data_6VOW
#
_entry.id   6VOW
#
_cell.length_a   135.110
_cell.length_b   68.840
_cell.length_c   49.520
_cell.angle_alpha   90.00
_cell.angle_beta   93.05
_cell.angle_gamma   90.00
#
_symmetry.space_group_name_H-M   'C 1 2 1'
#
loop_
_entity.id
_entity.type
_entity.pdbx_description
1 polymer 'multicopper oxidase'
2 non-polymer 'CU-O-CU LINKAGE'
3 non-polymer 'COPPER (II) ION'
4 water water
#
_entity_poly.entity_id   1
_entity_poly.type   'polypeptide(L)'
_entity_poly.pdbx_seq_one_letter_code
;MAFTRRQVLGGLVGLGVVGLGAGGVRYWLGRPESAVTHDYELIAAPVDMELVPGHVTPAWGYGGQAPGVELRCRQGDWLR
VRFINKLDEPTTIHWHGIRLPLEMDGVPYVSQLPVQPGEYFDYVFKTEDAGNFWYHPHESSASQLGRGLVGPLVVEEREP
SGFRHELSLSLKTWHVDEQGAFTPFMVPREAAREGTRGRLTTVNARPNPTLELPAGQVVRLRLFNLDNTVTYRLNLPGAE
ARLYALDGHPIEPRPLGKEYWLGPGMRIDLAVRVPEAGRELPLRNGPLRLATLKSVASVEAPGDWPAPLPANPVAEPDLS
IAETLSFRFEWAATLVDNLAQGGSYKYWQINGQAWDINDISCAERPIATLKKGGHYIFELRNLAQYQHPIHLHGMVFKVL
SSDRREIIPYFTDTYLLGKNETARVALVADNPGVWMFHCHVIDHMETGLMAAIEVA
;
_entity_poly.pdbx_strand_id   A
#
# COMPACT_ATOMS: atom_id res chain seq x y z
N SER A 34 1.65 15.12 -27.29
CA SER A 34 0.49 14.16 -27.22
C SER A 34 0.61 12.88 -26.32
N ALA A 35 1.81 12.26 -26.17
CA ALA A 35 2.03 11.17 -25.18
C ALA A 35 3.43 11.07 -24.61
N VAL A 36 3.50 10.95 -23.31
CA VAL A 36 4.71 10.65 -22.60
C VAL A 36 4.52 9.30 -21.91
N THR A 37 5.53 8.48 -22.05
CA THR A 37 5.63 7.07 -21.68
C THR A 37 6.94 6.82 -20.90
N HIS A 38 6.81 6.28 -19.70
CA HIS A 38 7.90 5.89 -18.82
C HIS A 38 8.02 4.41 -18.98
N ASP A 39 9.03 3.99 -19.75
CA ASP A 39 9.38 2.57 -19.94
C ASP A 39 10.32 1.97 -18.89
N TYR A 40 9.88 0.81 -18.42
CA TYR A 40 10.58 0.01 -17.47
C TYR A 40 10.49 -1.45 -17.92
N GLU A 41 11.60 -2.16 -17.76
CA GLU A 41 11.68 -3.62 -17.82
C GLU A 41 11.85 -4.04 -16.36
N LEU A 42 10.86 -4.77 -15.83
CA LEU A 42 10.86 -5.16 -14.42
C LEU A 42 10.91 -6.67 -14.33
N ILE A 43 11.94 -7.20 -13.68
CA ILE A 43 12.14 -8.67 -13.52
C ILE A 43 11.97 -9.11 -12.02
N ALA A 44 11.04 -10.05 -11.77
CA ALA A 44 10.93 -10.79 -10.52
C ALA A 44 11.87 -12.03 -10.55
N ALA A 45 12.69 -12.15 -9.55
CA ALA A 45 13.69 -13.19 -9.53
C ALA A 45 14.18 -13.37 -8.11
N PRO A 46 14.82 -14.56 -7.82
CA PRO A 46 15.38 -14.79 -6.52
C PRO A 46 16.43 -13.77 -6.20
N VAL A 47 16.37 -13.21 -5.00
CA VAL A 47 17.44 -12.36 -4.44
C VAL A 47 17.89 -12.92 -3.08
N ASP A 48 19.15 -13.33 -2.93
CA ASP A 48 19.67 -13.77 -1.63
C ASP A 48 20.01 -12.48 -0.95
N MET A 49 19.60 -12.37 0.27
CA MET A 49 19.76 -11.15 1.03
C MET A 49 20.28 -11.47 2.38
N GLU A 50 21.18 -10.62 2.88
CA GLU A 50 21.82 -10.77 4.21
C GLU A 50 21.03 -9.83 4.99
N LEU A 51 19.87 -10.27 5.45
CA LEU A 51 19.06 -9.44 6.35
C LEU A 51 19.50 -9.60 7.78
N VAL A 52 19.86 -10.83 8.12
CA VAL A 52 20.42 -11.11 9.39
C VAL A 52 21.88 -11.26 9.07
N PRO A 53 22.75 -10.35 9.63
CA PRO A 53 24.17 -10.51 9.40
C PRO A 53 24.57 -11.99 9.45
N GLY A 54 25.46 -12.37 8.52
CA GLY A 54 26.09 -13.67 8.52
C GLY A 54 25.23 -14.80 8.02
N HIS A 55 24.08 -14.48 7.42
CA HIS A 55 23.05 -15.46 7.05
C HIS A 55 22.32 -15.02 5.79
N VAL A 56 21.89 -16.02 5.04
CA VAL A 56 21.30 -15.81 3.74
C VAL A 56 19.89 -16.01 3.93
N THR A 57 19.12 -15.07 3.44
CA THR A 57 17.72 -15.19 3.39
C THR A 57 17.39 -15.32 1.91
N PRO A 58 16.60 -16.34 1.60
CA PRO A 58 16.49 -16.67 0.19
C PRO A 58 15.31 -15.89 -0.41
N ALA A 59 15.42 -14.57 -0.51
CA ALA A 59 14.26 -13.74 -0.86
C ALA A 59 13.99 -13.73 -2.34
N TRP A 60 12.85 -13.16 -2.73
CA TRP A 60 12.37 -13.00 -4.13
C TRP A 60 12.12 -11.53 -4.30
N GLY A 61 12.63 -10.97 -5.40
CA GLY A 61 12.66 -9.49 -5.55
C GLY A 61 12.43 -9.02 -6.97
N TYR A 62 11.91 -7.79 -7.09
CA TYR A 62 11.86 -7.08 -8.31
C TYR A 62 13.13 -6.23 -8.48
N GLY A 63 13.86 -6.52 -9.55
CA GLY A 63 14.95 -5.69 -10.02
C GLY A 63 16.13 -5.86 -9.16
N GLY A 64 16.29 -7.02 -8.59
CA GLY A 64 17.53 -7.33 -7.92
C GLY A 64 17.48 -6.94 -6.46
N GLN A 65 16.34 -6.46 -5.94
CA GLN A 65 16.26 -6.08 -4.57
C GLN A 65 14.89 -6.38 -4.00
N ALA A 66 14.79 -6.33 -2.68
CA ALA A 66 13.56 -6.42 -1.94
C ALA A 66 13.65 -5.59 -0.68
N PRO A 67 12.80 -4.57 -0.45
CA PRO A 67 11.76 -4.15 -1.38
C PRO A 67 12.25 -3.81 -2.76
N GLY A 68 11.36 -4.00 -3.71
CA GLY A 68 11.69 -3.83 -5.11
C GLY A 68 12.08 -2.41 -5.54
N VAL A 69 12.71 -2.37 -6.69
N VAL A 69 12.70 -2.37 -6.70
CA VAL A 69 13.09 -1.11 -7.27
CA VAL A 69 13.16 -1.10 -7.26
C VAL A 69 11.95 -0.07 -7.27
C VAL A 69 11.99 -0.07 -7.35
N GLU A 70 12.33 1.20 -7.15
CA GLU A 70 11.32 2.28 -7.20
C GLU A 70 10.84 2.55 -8.65
N LEU A 71 9.58 2.37 -8.94
CA LEU A 71 9.07 2.82 -10.24
C LEU A 71 8.59 4.28 -10.18
N ARG A 72 9.02 5.09 -11.13
CA ARG A 72 8.47 6.51 -11.17
C ARG A 72 7.72 6.75 -12.45
N CYS A 73 6.58 7.45 -12.31
CA CYS A 73 5.89 8.00 -13.43
C CYS A 73 5.51 9.44 -13.11
N ARG A 74 4.78 10.09 -14.02
CA ARG A 74 4.43 11.50 -13.85
C ARG A 74 3.03 11.48 -14.16
N GLN A 75 2.25 12.27 -13.42
CA GLN A 75 0.82 12.30 -13.57
C GLN A 75 0.42 12.74 -14.95
N GLY A 76 -0.47 11.98 -15.56
CA GLY A 76 -0.94 12.24 -16.94
C GLY A 76 -0.18 11.40 -17.93
N ASP A 77 0.95 10.85 -17.53
CA ASP A 77 1.74 10.06 -18.46
C ASP A 77 1.43 8.57 -18.40
N TRP A 78 1.99 7.83 -19.37
CA TRP A 78 1.84 6.36 -19.51
C TRP A 78 2.95 5.73 -18.81
N LEU A 79 2.62 4.68 -18.03
CA LEU A 79 3.58 3.88 -17.34
C LEU A 79 3.56 2.63 -18.14
N ARG A 80 4.73 2.16 -18.61
N ARG A 80 4.72 2.16 -18.66
CA ARG A 80 4.83 0.93 -19.44
CA ARG A 80 4.81 0.92 -19.53
C ARG A 80 5.87 0.06 -18.83
C ARG A 80 5.87 -0.01 -18.99
N VAL A 81 5.43 -1.11 -18.37
CA VAL A 81 6.34 -1.99 -17.66
C VAL A 81 6.26 -3.34 -18.30
N ARG A 82 7.38 -3.72 -18.89
CA ARG A 82 7.62 -5.06 -19.42
C ARG A 82 8.00 -5.90 -18.20
N PHE A 83 6.98 -6.61 -17.67
CA PHE A 83 7.20 -7.46 -16.57
C PHE A 83 7.59 -8.89 -17.01
N ILE A 84 8.71 -9.32 -16.50
CA ILE A 84 9.26 -10.60 -16.87
C ILE A 84 9.37 -11.44 -15.63
N ASN A 85 8.74 -12.61 -15.66
CA ASN A 85 8.73 -13.51 -14.49
C ASN A 85 9.94 -14.47 -14.55
N LYS A 86 10.96 -14.22 -13.75
CA LYS A 86 12.06 -15.20 -13.58
C LYS A 86 12.07 -15.94 -12.23
N LEU A 87 10.86 -16.12 -11.70
CA LEU A 87 10.64 -16.96 -10.56
C LEU A 87 10.33 -18.33 -11.08
N ASP A 88 10.14 -19.21 -10.14
CA ASP A 88 9.90 -20.58 -10.47
C ASP A 88 8.43 -20.90 -10.38
N GLU A 89 7.58 -19.87 -10.26
CA GLU A 89 6.15 -20.03 -10.27
C GLU A 89 5.39 -18.79 -10.81
N PRO A 90 4.10 -18.97 -11.12
CA PRO A 90 3.38 -17.87 -11.71
C PRO A 90 3.27 -16.62 -10.81
N THR A 91 3.14 -15.45 -11.40
CA THR A 91 2.98 -14.23 -10.61
C THR A 91 2.27 -13.22 -11.51
N THR A 92 1.77 -12.19 -10.92
CA THR A 92 1.27 -11.06 -11.65
C THR A 92 1.88 -9.86 -10.89
N ILE A 93 1.56 -8.65 -11.38
CA ILE A 93 1.89 -7.39 -10.68
C ILE A 93 0.63 -6.65 -10.63
N HIS A 94 0.17 -6.43 -9.41
CA HIS A 94 -0.96 -5.57 -9.18
C HIS A 94 -0.47 -4.21 -8.72
N TRP A 95 -1.09 -3.14 -9.22
CA TRP A 95 -0.53 -1.77 -9.09
C TRP A 95 -1.48 -1.09 -8.14
N HIS A 96 -1.05 -1.23 -6.87
CA HIS A 96 -1.90 -0.91 -5.68
C HIS A 96 -2.17 0.57 -5.67
N GLY A 97 -3.42 0.92 -5.91
CA GLY A 97 -3.94 2.25 -5.76
C GLY A 97 -4.22 2.95 -7.12
N ILE A 98 -3.68 2.40 -8.19
CA ILE A 98 -3.82 2.99 -9.49
C ILE A 98 -5.17 2.65 -10.03
N ARG A 99 -5.92 3.66 -10.44
CA ARG A 99 -7.14 3.46 -11.22
C ARG A 99 -6.73 3.24 -12.68
N LEU A 100 -6.64 2.00 -13.06
CA LEU A 100 -6.30 1.63 -14.40
C LEU A 100 -7.39 0.71 -14.91
N PRO A 101 -7.37 0.34 -16.19
CA PRO A 101 -8.38 -0.58 -16.70
C PRO A 101 -8.19 -1.96 -16.14
N LEU A 102 -9.29 -2.69 -16.08
CA LEU A 102 -9.27 -4.02 -15.45
C LEU A 102 -8.21 -4.92 -16.03
N GLU A 103 -8.01 -4.85 -17.33
CA GLU A 103 -6.97 -5.67 -18.01
C GLU A 103 -5.59 -5.53 -17.40
N MET A 104 -5.33 -4.40 -16.72
CA MET A 104 -4.05 -4.18 -16.16
C MET A 104 -4.13 -4.33 -14.67
N ASP A 105 -5.17 -4.93 -14.08
CA ASP A 105 -5.20 -4.91 -12.59
C ASP A 105 -4.32 -6.00 -12.00
N GLY A 106 -3.85 -6.96 -12.78
CA GLY A 106 -2.91 -7.92 -12.26
C GLY A 106 -3.54 -8.98 -11.37
N VAL A 107 -4.83 -9.11 -11.43
CA VAL A 107 -5.48 -10.15 -10.69
C VAL A 107 -5.66 -11.45 -11.52
N PRO A 108 -5.13 -12.59 -11.04
CA PRO A 108 -5.18 -13.74 -11.91
C PRO A 108 -6.60 -14.10 -12.12
N TYR A 109 -6.95 -14.32 -13.40
CA TYR A 109 -8.23 -14.83 -13.88
C TYR A 109 -9.37 -13.82 -13.89
N VAL A 110 -9.05 -12.59 -13.51
CA VAL A 110 -9.97 -11.47 -13.61
C VAL A 110 -9.35 -10.47 -14.57
N SER A 111 -8.07 -10.11 -14.35
CA SER A 111 -7.33 -9.18 -15.22
C SER A 111 -6.68 -9.92 -16.38
N GLN A 112 -6.00 -11.01 -16.04
CA GLN A 112 -5.05 -11.69 -16.92
C GLN A 112 -4.86 -13.12 -16.46
N LEU A 113 -4.12 -13.86 -17.25
CA LEU A 113 -3.57 -15.11 -16.86
C LEU A 113 -2.32 -14.86 -16.09
N PRO A 114 -2.06 -15.65 -15.02
CA PRO A 114 -0.78 -15.54 -14.34
C PRO A 114 0.35 -15.51 -15.32
N VAL A 115 1.40 -14.80 -15.03
CA VAL A 115 2.50 -14.77 -15.89
C VAL A 115 3.33 -15.94 -15.44
N GLN A 116 3.60 -16.87 -16.34
CA GLN A 116 4.32 -18.05 -16.11
C GLN A 116 5.78 -17.77 -16.02
N PRO A 117 6.53 -18.66 -15.34
CA PRO A 117 7.96 -18.57 -15.32
C PRO A 117 8.55 -18.42 -16.68
N GLY A 118 9.49 -17.49 -16.85
CA GLY A 118 10.15 -17.24 -18.14
C GLY A 118 9.43 -16.43 -19.18
N GLU A 119 8.15 -16.12 -18.91
CA GLU A 119 7.29 -15.31 -19.77
C GLU A 119 7.39 -13.83 -19.31
N TYR A 120 6.61 -12.94 -19.96
CA TYR A 120 6.51 -11.49 -19.68
C TYR A 120 5.12 -10.98 -19.86
N PHE A 121 4.81 -9.80 -19.30
CA PHE A 121 3.50 -9.19 -19.47
C PHE A 121 3.82 -7.70 -19.49
N ASP A 122 3.15 -7.01 -20.39
CA ASP A 122 3.38 -5.59 -20.57
C ASP A 122 2.25 -4.87 -19.89
N TYR A 123 2.56 -4.25 -18.73
CA TYR A 123 1.56 -3.42 -18.04
C TYR A 123 1.74 -2.04 -18.58
N VAL A 124 0.73 -1.51 -19.27
CA VAL A 124 0.68 -0.13 -19.75
C VAL A 124 -0.56 0.54 -19.25
N PHE A 125 -0.41 1.68 -18.57
CA PHE A 125 -1.62 2.41 -18.17
C PHE A 125 -1.19 3.83 -17.86
N LYS A 126 -2.14 4.73 -17.94
CA LYS A 126 -1.88 6.11 -17.59
C LYS A 126 -2.08 6.18 -16.08
N THR A 127 -1.17 6.95 -15.45
CA THR A 127 -1.21 7.33 -14.07
C THR A 127 -1.74 8.74 -13.94
N GLU A 128 -3.05 8.89 -13.74
CA GLU A 128 -3.71 10.15 -13.58
C GLU A 128 -3.68 10.72 -12.17
N ASP A 129 -3.20 9.92 -11.18
CA ASP A 129 -3.12 10.36 -9.78
C ASP A 129 -1.71 10.38 -9.40
N ALA A 130 -1.34 11.52 -8.87
CA ALA A 130 -0.01 11.69 -8.33
C ALA A 130 -0.06 11.19 -6.94
N GLY A 131 1.12 10.78 -6.52
CA GLY A 131 1.37 10.33 -5.22
C GLY A 131 1.99 8.99 -5.16
N ASN A 132 1.80 8.36 -4.01
CA ASN A 132 2.54 7.16 -3.56
C ASN A 132 1.70 5.97 -3.75
N PHE A 133 2.19 5.01 -4.53
CA PHE A 133 1.40 3.81 -4.75
C PHE A 133 2.40 2.73 -4.51
N TRP A 134 1.98 1.52 -4.74
CA TRP A 134 2.99 0.41 -4.74
C TRP A 134 2.49 -0.70 -5.59
N TYR A 135 3.32 -1.70 -5.72
CA TYR A 135 3.04 -2.84 -6.56
C TYR A 135 3.50 -4.12 -5.90
N HIS A 136 2.77 -5.17 -6.21
CA HIS A 136 3.04 -6.45 -5.62
C HIS A 136 2.22 -7.48 -6.34
N PRO A 137 2.51 -8.76 -6.12
CA PRO A 137 1.74 -9.79 -6.80
C PRO A 137 0.42 -9.89 -6.25
N HIS A 138 -0.44 -10.53 -7.02
CA HIS A 138 -1.74 -10.91 -6.54
C HIS A 138 -2.00 -12.41 -6.73
N GLU A 139 -0.94 -13.19 -6.58
CA GLU A 139 -0.91 -14.61 -6.82
C GLU A 139 0.02 -15.12 -5.76
N SER A 140 -0.35 -16.17 -5.03
CA SER A 140 0.53 -16.73 -3.98
C SER A 140 1.02 -15.61 -3.07
N SER A 141 0.09 -14.81 -2.61
CA SER A 141 0.37 -13.50 -2.16
C SER A 141 1.19 -13.50 -0.90
N ALA A 142 0.76 -14.24 0.12
CA ALA A 142 1.45 -14.31 1.44
C ALA A 142 2.90 -14.68 1.27
N SER A 143 3.06 -15.75 0.50
CA SER A 143 4.38 -16.25 0.18
C SER A 143 5.24 -15.25 -0.68
N GLN A 144 4.66 -14.80 -1.77
CA GLN A 144 5.41 -13.96 -2.75
C GLN A 144 5.66 -12.56 -2.19
N LEU A 145 4.67 -11.94 -1.60
CA LEU A 145 4.89 -10.68 -0.87
C LEU A 145 5.79 -10.91 0.29
N GLY A 146 5.54 -11.98 1.03
CA GLY A 146 6.36 -12.31 2.16
C GLY A 146 7.81 -12.44 1.84
N ARG A 147 8.11 -13.03 0.68
CA ARG A 147 9.51 -13.21 0.33
C ARG A 147 10.19 -11.99 -0.25
N GLY A 148 9.49 -10.90 -0.44
CA GLY A 148 10.18 -9.74 -0.93
C GLY A 148 9.52 -9.07 -2.10
N LEU A 149 8.49 -9.65 -2.69
CA LEU A 149 7.92 -9.09 -3.92
C LEU A 149 6.99 -7.99 -3.61
N VAL A 150 7.59 -6.82 -3.32
CA VAL A 150 6.90 -5.59 -3.05
C VAL A 150 7.78 -4.43 -3.46
N GLY A 151 7.17 -3.41 -3.99
CA GLY A 151 7.97 -2.21 -4.35
C GLY A 151 7.19 -0.92 -4.28
N PRO A 152 7.87 0.22 -4.16
CA PRO A 152 7.21 1.53 -4.25
C PRO A 152 7.02 2.01 -5.71
N LEU A 153 5.86 2.63 -5.99
CA LEU A 153 5.56 3.40 -7.23
C LEU A 153 5.21 4.84 -6.92
N VAL A 154 6.03 5.78 -7.38
CA VAL A 154 5.75 7.23 -7.24
C VAL A 154 5.22 7.78 -8.55
N VAL A 155 4.03 8.39 -8.51
CA VAL A 155 3.52 9.17 -9.59
C VAL A 155 3.75 10.64 -9.22
N GLU A 156 4.75 11.28 -9.86
CA GLU A 156 5.06 12.64 -9.65
C GLU A 156 3.85 13.55 -10.00
N GLU A 157 3.67 14.61 -9.22
CA GLU A 157 2.59 15.63 -9.57
C GLU A 157 2.88 16.25 -10.99
N ARG A 158 1.83 16.63 -11.69
CA ARG A 158 2.03 17.20 -13.03
C ARG A 158 2.79 18.50 -12.92
N GLU A 159 2.42 19.35 -11.99
CA GLU A 159 3.19 20.57 -11.76
C GLU A 159 4.03 20.36 -10.52
N PRO A 160 5.16 21.05 -10.45
CA PRO A 160 6.10 20.93 -9.37
C PRO A 160 5.40 21.17 -8.05
N SER A 161 5.49 20.23 -7.12
CA SER A 161 5.09 20.56 -5.77
C SER A 161 6.20 21.49 -5.36
N GLY A 162 5.92 22.35 -4.44
CA GLY A 162 7.04 23.06 -3.85
C GLY A 162 8.01 22.19 -3.05
N PHE A 163 8.00 20.87 -3.07
CA PHE A 163 9.03 20.17 -2.29
C PHE A 163 10.37 20.17 -2.96
N ARG A 164 11.36 20.55 -2.18
CA ARG A 164 12.75 20.58 -2.65
C ARG A 164 13.44 19.22 -2.50
N HIS A 165 12.96 18.39 -1.61
CA HIS A 165 13.65 17.16 -1.23
C HIS A 165 12.56 16.18 -0.92
N GLU A 166 12.89 14.94 -1.18
CA GLU A 166 12.00 13.83 -0.88
C GLU A 166 12.82 12.68 -0.58
N LEU A 167 12.23 11.72 0.10
CA LEU A 167 12.89 10.51 0.49
C LEU A 167 11.82 9.43 0.55
N SER A 168 12.09 8.32 -0.10
CA SER A 168 11.22 7.18 -0.06
C SER A 168 11.62 6.20 1.04
N LEU A 169 10.63 5.80 1.86
CA LEU A 169 10.80 4.85 3.03
C LEU A 169 9.86 3.71 2.89
N SER A 170 10.39 2.54 2.57
CA SER A 170 9.57 1.34 2.37
C SER A 170 9.75 0.44 3.58
N LEU A 171 8.68 0.32 4.35
CA LEU A 171 8.67 -0.51 5.54
C LEU A 171 8.29 -1.94 5.24
N LYS A 172 9.05 -2.85 5.82
N LYS A 172 9.11 -2.88 5.71
CA LYS A 172 8.73 -4.25 5.73
CA LYS A 172 8.66 -4.26 5.73
C LYS A 172 9.22 -5.00 6.95
C LYS A 172 9.19 -4.97 6.97
N THR A 173 8.31 -5.81 7.50
CA THR A 173 8.58 -6.62 8.70
C THR A 173 8.65 -8.08 8.23
N TRP A 174 9.90 -8.52 8.07
CA TRP A 174 10.21 -9.76 7.45
C TRP A 174 10.05 -10.90 8.40
N HIS A 175 9.36 -11.93 7.91
CA HIS A 175 9.20 -13.19 8.58
C HIS A 175 10.45 -14.00 8.39
N VAL A 176 11.53 -13.63 9.06
CA VAL A 176 12.72 -14.43 9.07
C VAL A 176 13.09 -14.62 10.53
N ASP A 177 13.63 -15.79 10.88
CA ASP A 177 14.04 -16.05 12.28
C ASP A 177 15.37 -15.35 12.53
N GLU A 178 16.00 -15.66 13.64
CA GLU A 178 17.32 -15.17 13.94
C GLU A 178 18.50 -15.65 13.05
N GLN A 179 18.31 -16.63 12.15
CA GLN A 179 19.40 -17.15 11.25
C GLN A 179 19.10 -16.91 9.74
N GLY A 180 18.22 -15.92 9.53
CA GLY A 180 17.80 -15.53 8.26
C GLY A 180 16.77 -16.36 7.55
N ALA A 181 16.31 -17.48 8.13
CA ALA A 181 15.39 -18.35 7.42
C ALA A 181 14.01 -17.83 7.53
N PHE A 182 13.24 -18.01 6.48
CA PHE A 182 11.85 -17.67 6.51
C PHE A 182 11.05 -18.60 7.44
N THR A 183 10.10 -17.96 8.13
CA THR A 183 9.21 -18.57 9.05
C THR A 183 7.97 -18.59 8.22
N PRO A 184 6.95 -19.29 8.68
CA PRO A 184 5.86 -19.43 7.79
C PRO A 184 5.18 -18.08 7.56
N PHE A 185 4.72 -17.85 6.35
CA PHE A 185 3.88 -16.65 6.03
C PHE A 185 2.40 -16.71 6.39
N MET A 186 1.92 -17.91 6.71
CA MET A 186 0.58 -18.16 7.16
C MET A 186 0.90 -19.05 8.34
N VAL A 187 0.40 -18.68 9.51
CA VAL A 187 0.41 -19.58 10.66
C VAL A 187 -1.01 -19.40 11.16
N PRO A 188 -1.88 -20.47 11.12
CA PRO A 188 -3.36 -20.39 11.43
C PRO A 188 -3.79 -19.64 12.70
N ARG A 189 -3.11 -19.90 13.81
N ARG A 189 -3.10 -19.88 13.81
N ARG A 189 -3.09 -19.88 13.81
CA ARG A 189 -3.34 -19.21 15.08
CA ARG A 189 -3.39 -19.20 15.07
CA ARG A 189 -3.35 -19.20 15.08
C ARG A 189 -3.22 -17.70 14.90
C ARG A 189 -3.18 -17.69 14.95
C ARG A 189 -3.23 -17.69 14.90
N GLU A 190 -2.26 -17.30 14.06
CA GLU A 190 -2.01 -15.90 13.75
C GLU A 190 -3.02 -15.38 12.67
N ALA A 191 -3.34 -16.18 11.65
CA ALA A 191 -4.26 -15.82 10.54
C ALA A 191 -5.65 -15.61 11.04
N ALA A 192 -6.07 -16.38 12.03
CA ALA A 192 -7.36 -16.09 12.74
C ALA A 192 -7.34 -14.86 13.68
N ARG A 193 -6.16 -14.32 14.00
CA ARG A 193 -6.01 -13.07 14.81
C ARG A 193 -5.64 -11.83 13.94
N GLU A 194 -4.55 -11.14 14.27
CA GLU A 194 -4.14 -9.88 13.65
C GLU A 194 -3.34 -10.12 12.36
N GLY A 195 -2.98 -11.39 12.14
CA GLY A 195 -2.39 -11.88 10.92
C GLY A 195 -1.04 -12.41 11.31
N THR A 196 -0.37 -13.11 10.40
CA THR A 196 0.95 -13.70 10.68
C THR A 196 2.00 -12.63 10.58
N ARG A 197 2.56 -12.29 11.74
CA ARG A 197 3.50 -11.18 11.86
C ARG A 197 4.97 -11.65 11.73
N GLY A 198 5.76 -10.98 10.93
CA GLY A 198 7.17 -11.18 10.89
C GLY A 198 7.81 -10.62 12.14
N ARG A 199 9.11 -10.75 12.11
CA ARG A 199 9.97 -10.46 13.19
C ARG A 199 10.89 -9.24 12.90
N LEU A 200 11.40 -9.07 11.68
CA LEU A 200 12.51 -8.13 11.44
C LEU A 200 12.06 -6.92 10.58
N THR A 201 11.99 -5.78 11.24
CA THR A 201 11.49 -4.57 10.59
C THR A 201 12.66 -3.94 9.90
N THR A 202 12.38 -3.44 8.72
CA THR A 202 13.38 -2.83 7.88
C THR A 202 12.69 -1.62 7.22
N VAL A 203 13.52 -0.67 6.91
CA VAL A 203 13.18 0.48 6.10
C VAL A 203 14.12 0.38 4.97
N ASN A 204 13.56 0.24 3.77
CA ASN A 204 14.37 0.06 2.53
C ASN A 204 15.35 -1.08 2.66
N ALA A 205 14.88 -2.21 3.21
CA ALA A 205 15.72 -3.46 3.39
C ALA A 205 16.75 -3.46 4.53
N ARG A 206 16.81 -2.37 5.30
CA ARG A 206 17.80 -2.22 6.31
C ARG A 206 17.12 -2.08 7.69
N PRO A 207 17.54 -2.88 8.72
CA PRO A 207 16.95 -2.70 10.05
C PRO A 207 17.50 -1.39 10.59
N ASN A 208 16.58 -0.50 10.78
CA ASN A 208 16.80 0.73 11.49
C ASN A 208 17.94 1.57 10.93
N PRO A 209 17.80 2.04 9.68
CA PRO A 209 18.88 2.82 9.08
C PRO A 209 18.89 4.27 9.57
N THR A 210 20.02 4.93 9.38
CA THR A 210 20.17 6.34 9.63
C THR A 210 20.07 6.96 8.25
N LEU A 211 19.07 7.78 8.04
CA LEU A 211 18.91 8.49 6.77
C LEU A 211 19.28 9.95 6.88
N GLU A 212 20.18 10.38 6.04
CA GLU A 212 20.64 11.76 6.07
C GLU A 212 19.66 12.65 5.31
N LEU A 213 19.36 13.81 5.91
CA LEU A 213 18.48 14.83 5.36
C LEU A 213 19.13 16.23 5.60
N PRO A 214 18.94 17.20 4.66
CA PRO A 214 19.53 18.55 4.81
C PRO A 214 18.85 19.47 5.82
N ALA A 215 19.65 20.07 6.71
CA ALA A 215 19.12 20.88 7.82
C ALA A 215 18.32 22.07 7.38
N GLY A 216 17.32 22.41 8.15
CA GLY A 216 16.54 23.53 7.87
C GLY A 216 15.54 23.23 6.79
N GLN A 217 15.73 22.19 5.98
CA GLN A 217 14.89 22.07 4.76
C GLN A 217 13.54 21.36 5.08
N VAL A 218 12.48 21.56 4.30
CA VAL A 218 11.29 20.70 4.41
C VAL A 218 11.39 19.50 3.44
N VAL A 219 11.25 18.28 3.97
CA VAL A 219 11.49 17.11 3.20
C VAL A 219 10.23 16.35 3.16
N ARG A 220 9.86 15.86 2.00
CA ARG A 220 8.70 15.00 1.82
C ARG A 220 9.16 13.56 1.96
N LEU A 221 8.74 12.94 3.05
CA LEU A 221 9.07 11.54 3.32
C LEU A 221 7.92 10.77 2.81
N ARG A 222 8.21 9.96 1.84
CA ARG A 222 7.18 9.11 1.23
C ARG A 222 7.26 7.80 1.99
N LEU A 223 6.19 7.45 2.71
CA LEU A 223 6.22 6.28 3.63
C LEU A 223 5.32 5.26 3.06
N PHE A 224 5.90 4.12 2.74
CA PHE A 224 5.19 3.00 2.16
C PHE A 224 5.22 1.82 3.12
N ASN A 225 4.05 1.30 3.44
CA ASN A 225 4.03 0.10 4.26
C ASN A 225 3.92 -1.07 3.29
N LEU A 226 5.06 -1.73 3.06
CA LEU A 226 5.07 -2.78 2.14
C LEU A 226 4.94 -4.10 2.84
N ASP A 227 4.47 -4.09 4.08
CA ASP A 227 4.37 -5.28 4.84
C ASP A 227 3.11 -6.07 4.58
N ASN A 228 3.18 -7.38 4.75
CA ASN A 228 2.01 -8.33 4.67
C ASN A 228 1.02 -8.12 5.76
N THR A 229 1.45 -7.72 6.97
CA THR A 229 0.53 -7.71 8.18
C THR A 229 0.68 -6.57 9.20
N VAL A 230 1.86 -6.00 9.31
CA VAL A 230 2.10 -5.00 10.33
C VAL A 230 1.40 -3.64 10.13
N THR A 231 0.85 -3.08 11.19
CA THR A 231 0.48 -1.68 11.23
C THR A 231 1.50 -0.93 12.07
N TYR A 232 2.25 -0.03 11.47
CA TYR A 232 3.27 0.75 12.15
C TYR A 232 2.62 2.00 12.73
N ARG A 233 2.75 2.14 14.05
CA ARG A 233 2.18 3.26 14.83
C ARG A 233 3.19 4.33 14.75
N LEU A 234 3.21 4.97 13.61
CA LEU A 234 4.33 5.89 13.28
C LEU A 234 4.25 7.12 14.09
N ASN A 235 5.38 7.54 14.58
CA ASN A 235 5.45 8.72 15.42
C ASN A 235 6.85 9.19 15.21
N LEU A 236 7.05 10.50 15.31
CA LEU A 236 8.42 11.10 15.06
C LEU A 236 8.70 12.17 16.14
N PRO A 237 9.09 11.74 17.36
CA PRO A 237 9.02 12.73 18.44
C PRO A 237 9.98 13.80 18.21
N GLY A 238 9.59 15.04 18.49
CA GLY A 238 10.57 16.16 18.32
C GLY A 238 10.40 16.98 17.06
N ALA A 239 10.25 16.35 15.91
CA ALA A 239 10.30 17.06 14.63
C ALA A 239 8.93 17.65 14.39
N GLU A 240 8.87 18.73 13.61
CA GLU A 240 7.59 19.27 13.10
C GLU A 240 7.29 18.46 11.89
N ALA A 241 6.20 17.74 11.90
CA ALA A 241 5.87 16.86 10.78
C ALA A 241 4.41 17.05 10.40
N ARG A 242 4.17 17.18 9.10
CA ARG A 242 2.81 17.41 8.61
C ARG A 242 2.44 16.40 7.57
N LEU A 243 1.24 15.88 7.68
CA LEU A 243 0.73 15.00 6.72
C LEU A 243 0.26 15.84 5.53
N TYR A 244 0.66 15.44 4.34
CA TYR A 244 0.20 16.11 3.11
C TYR A 244 -0.63 15.25 2.20
N ALA A 245 -0.48 13.94 2.36
CA ALA A 245 -1.28 13.01 1.60
C ALA A 245 -1.32 11.65 2.22
N LEU A 246 -2.44 10.97 1.99
CA LEU A 246 -2.69 9.59 2.51
C LEU A 246 -3.15 8.66 1.40
N ASP A 247 -2.36 7.59 1.23
CA ASP A 247 -2.70 6.52 0.31
C ASP A 247 -2.83 7.14 -1.10
N GLY A 248 -1.83 7.93 -1.44
CA GLY A 248 -1.70 8.60 -2.77
C GLY A 248 -2.68 9.72 -3.09
N HIS A 249 -3.32 10.31 -2.07
CA HIS A 249 -4.28 11.39 -2.31
C HIS A 249 -4.11 12.54 -1.33
N PRO A 250 -3.88 13.74 -1.86
CA PRO A 250 -3.58 14.90 -1.05
C PRO A 250 -4.61 15.24 0.01
N ILE A 251 -4.20 15.83 1.13
CA ILE A 251 -5.22 16.29 2.10
C ILE A 251 -4.86 17.76 2.34
N GLU A 252 -5.75 18.46 3.03
CA GLU A 252 -5.37 19.69 3.72
C GLU A 252 -4.26 19.30 4.70
N PRO A 253 -3.06 19.87 4.53
CA PRO A 253 -2.01 19.51 5.45
C PRO A 253 -2.37 19.74 6.90
N ARG A 254 -1.89 18.84 7.77
CA ARG A 254 -2.29 18.66 9.19
C ARG A 254 -1.01 18.16 9.88
N PRO A 255 -0.73 18.62 11.13
CA PRO A 255 0.40 18.01 11.86
C PRO A 255 0.22 16.53 12.01
N LEU A 256 1.33 15.81 12.01
CA LEU A 256 1.37 14.42 12.37
C LEU A 256 0.62 14.23 13.69
N GLY A 257 1.00 15.00 14.70
CA GLY A 257 0.60 14.71 16.07
C GLY A 257 1.32 13.45 16.57
N LYS A 258 0.62 12.73 17.44
CA LYS A 258 1.16 11.68 18.30
C LYS A 258 1.54 10.47 17.48
N GLU A 259 0.65 10.02 16.61
CA GLU A 259 1.00 8.85 15.84
C GLU A 259 0.18 8.75 14.60
N TYR A 260 0.69 8.07 13.62
CA TYR A 260 -0.18 7.75 12.50
C TYR A 260 -0.14 6.23 12.31
N TRP A 261 -1.28 5.61 12.22
CA TRP A 261 -1.36 4.13 12.08
C TRP A 261 -1.31 3.78 10.61
N LEU A 262 -0.13 3.36 10.18
CA LEU A 262 0.12 3.04 8.80
C LEU A 262 -0.11 1.58 8.69
N GLY A 263 -1.28 1.22 8.27
CA GLY A 263 -1.57 -0.16 7.94
C GLY A 263 -0.89 -0.74 6.72
N PRO A 264 -0.95 -2.07 6.59
CA PRO A 264 -0.32 -2.69 5.40
C PRO A 264 -0.92 -2.12 4.13
N GLY A 265 -0.02 -1.75 3.22
CA GLY A 265 -0.45 -1.17 1.95
C GLY A 265 -0.89 0.28 1.98
N MET A 266 -0.71 0.93 3.12
CA MET A 266 -0.93 2.35 3.23
C MET A 266 0.32 3.13 3.05
N ARG A 267 0.12 4.36 2.65
CA ARG A 267 1.24 5.25 2.42
C ARG A 267 0.87 6.61 2.91
N ILE A 268 1.87 7.41 3.15
CA ILE A 268 1.68 8.81 3.48
C ILE A 268 2.83 9.58 2.90
N ASP A 269 2.55 10.85 2.69
CA ASP A 269 3.64 11.83 2.50
C ASP A 269 3.64 12.59 3.79
N LEU A 270 4.81 12.61 4.39
CA LEU A 270 4.99 13.15 5.68
C LEU A 270 6.04 14.21 5.41
N ALA A 271 5.63 15.47 5.44
CA ALA A 271 6.64 16.56 5.33
C ALA A 271 7.21 16.91 6.65
N VAL A 272 8.54 16.92 6.72
CA VAL A 272 9.24 17.07 7.97
C VAL A 272 10.16 18.30 7.87
N ARG A 273 10.09 19.18 8.85
CA ARG A 273 11.12 20.20 8.98
C ARG A 273 12.27 19.55 9.63
N VAL A 274 13.37 19.49 8.89
CA VAL A 274 14.57 18.88 9.36
C VAL A 274 15.19 19.90 10.32
N PRO A 275 15.53 19.44 11.54
CA PRO A 275 16.05 20.35 12.49
C PRO A 275 17.45 20.72 12.11
N GLU A 276 18.00 21.64 12.88
CA GLU A 276 19.36 22.12 12.70
C GLU A 276 20.31 20.96 12.66
N ALA A 277 21.43 21.15 11.96
CA ALA A 277 22.46 20.12 11.68
C ALA A 277 22.97 19.34 12.88
N GLY A 278 23.45 18.12 12.60
CA GLY A 278 23.82 17.18 13.64
C GLY A 278 22.68 16.65 14.52
N ARG A 279 21.47 17.20 14.48
CA ARG A 279 20.31 16.58 15.19
C ARG A 279 19.92 15.30 14.50
N GLU A 280 19.28 14.43 15.28
CA GLU A 280 19.01 13.08 14.87
C GLU A 280 17.67 12.85 15.48
N LEU A 281 16.73 12.48 14.65
CA LEU A 281 15.37 12.27 15.09
C LEU A 281 15.03 10.84 14.82
N PRO A 282 14.22 10.25 15.71
CA PRO A 282 13.91 8.84 15.45
C PRO A 282 12.53 8.70 14.89
N LEU A 283 12.41 8.02 13.76
CA LEU A 283 11.13 7.65 13.25
C LEU A 283 10.79 6.32 13.95
N ARG A 284 9.61 6.21 14.51
CA ARG A 284 9.30 5.08 15.35
C ARG A 284 8.03 4.39 15.04
N ASN A 285 8.07 3.10 15.31
CA ASN A 285 6.87 2.32 15.48
C ASN A 285 6.58 2.11 17.01
N GLY A 286 5.62 2.84 17.58
CA GLY A 286 5.52 3.04 19.02
C GLY A 286 6.87 3.43 19.60
N PRO A 287 7.45 2.62 20.50
CA PRO A 287 8.75 2.95 21.13
C PRO A 287 9.94 2.43 20.33
N LEU A 288 9.66 1.74 19.25
CA LEU A 288 10.71 1.09 18.49
C LEU A 288 11.14 2.02 17.36
N ARG A 289 12.44 2.23 17.22
CA ARG A 289 12.98 2.99 16.08
C ARG A 289 12.91 2.14 14.84
N LEU A 290 12.30 2.74 13.83
CA LEU A 290 12.26 2.22 12.46
C LEU A 290 13.46 2.76 11.69
N ALA A 291 13.80 3.99 11.97
CA ALA A 291 14.82 4.72 11.28
C ALA A 291 15.13 5.93 12.11
N THR A 292 16.31 6.42 11.88
CA THR A 292 16.84 7.61 12.38
C THR A 292 17.12 8.61 11.21
N LEU A 293 16.64 9.84 11.37
CA LEU A 293 16.80 10.92 10.42
C LEU A 293 17.80 11.85 11.01
N LYS A 294 18.99 11.85 10.43
CA LYS A 294 20.09 12.70 10.87
C LYS A 294 20.04 13.89 10.02
N SER A 295 19.86 15.04 10.67
CA SER A 295 19.93 16.33 10.01
C SER A 295 21.36 16.60 9.64
N VAL A 296 21.63 16.73 8.35
CA VAL A 296 22.97 17.01 7.84
C VAL A 296 23.07 18.50 7.43
N ALA A 297 24.28 19.08 7.46
CA ALA A 297 24.45 20.52 7.14
C ALA A 297 24.19 20.78 5.68
N SER A 298 23.23 21.67 5.42
CA SER A 298 23.00 22.24 4.09
C SER A 298 23.37 23.72 4.10
N VAL A 299 23.81 24.22 2.96
CA VAL A 299 23.95 25.67 2.77
C VAL A 299 22.66 26.24 2.13
N GLU A 300 21.67 25.37 1.80
CA GLU A 300 20.41 25.83 1.22
C GLU A 300 19.59 26.65 2.20
N ALA A 301 18.96 27.70 1.72
CA ALA A 301 18.02 28.44 2.58
C ALA A 301 16.93 27.48 3.09
N PRO A 302 16.50 27.65 4.35
CA PRO A 302 15.26 27.05 4.81
C PRO A 302 14.01 27.47 3.99
N GLY A 303 13.27 26.51 3.44
CA GLY A 303 12.20 26.85 2.55
C GLY A 303 10.93 26.76 3.32
N ASP A 304 9.84 27.28 2.78
CA ASP A 304 8.59 27.29 3.54
C ASP A 304 7.90 25.94 3.31
N TRP A 305 6.92 25.70 4.16
CA TRP A 305 5.98 24.59 3.99
C TRP A 305 5.40 24.69 2.60
N PRO A 306 5.39 23.59 1.81
CA PRO A 306 4.62 23.66 0.54
C PRO A 306 3.12 23.96 0.65
N ALA A 307 2.54 24.56 -0.34
CA ALA A 307 1.08 24.60 -0.43
C ALA A 307 0.50 23.14 -0.45
N PRO A 308 -0.83 22.99 -0.16
CA PRO A 308 -1.52 21.70 -0.30
C PRO A 308 -1.25 21.12 -1.66
N LEU A 309 -0.93 19.84 -1.73
CA LEU A 309 -0.91 19.16 -3.01
C LEU A 309 -2.28 19.28 -3.68
N PRO A 310 -2.30 19.56 -4.99
CA PRO A 310 -3.58 19.57 -5.71
C PRO A 310 -4.28 18.21 -5.71
N ALA A 311 -5.58 18.24 -5.53
CA ALA A 311 -6.37 17.03 -5.52
C ALA A 311 -6.14 16.26 -6.82
N ASN A 312 -5.94 14.97 -6.70
CA ASN A 312 -6.10 14.08 -7.87
C ASN A 312 -7.53 14.12 -8.48
N PRO A 313 -7.66 13.85 -9.80
CA PRO A 313 -8.93 13.89 -10.50
C PRO A 313 -9.82 12.67 -10.24
N VAL A 314 -10.34 12.58 -9.03
CA VAL A 314 -11.17 11.47 -8.60
C VAL A 314 -12.60 11.96 -8.61
N ALA A 315 -13.51 11.05 -8.90
CA ALA A 315 -14.90 11.40 -9.07
C ALA A 315 -15.54 11.65 -7.70
N GLU A 316 -15.94 12.89 -7.42
CA GLU A 316 -16.59 13.25 -6.18
C GLU A 316 -17.78 12.38 -5.97
N PRO A 317 -17.80 11.66 -4.87
CA PRO A 317 -19.08 11.05 -4.60
C PRO A 317 -20.01 12.19 -4.16
N ASP A 318 -21.26 12.09 -4.62
CA ASP A 318 -22.43 12.95 -4.38
C ASP A 318 -23.32 12.15 -3.36
N LEU A 319 -23.21 12.48 -2.08
CA LEU A 319 -23.92 11.76 -1.01
C LEU A 319 -25.42 11.73 -1.17
N SER A 320 -26.01 12.85 -1.62
CA SER A 320 -27.45 12.91 -1.73
C SER A 320 -27.97 11.89 -2.76
N ILE A 321 -27.17 11.54 -3.78
CA ILE A 321 -27.65 10.54 -4.76
C ILE A 321 -27.16 9.08 -4.47
N ALA A 322 -26.26 8.92 -3.50
CA ALA A 322 -25.68 7.60 -3.26
C ALA A 322 -26.62 6.58 -2.60
N GLU A 323 -26.32 5.31 -2.86
CA GLU A 323 -27.08 4.15 -2.41
C GLU A 323 -26.16 3.39 -1.48
N THR A 324 -26.67 2.85 -0.37
CA THR A 324 -25.77 2.14 0.53
C THR A 324 -25.67 0.62 0.31
N LEU A 325 -24.45 0.11 0.45
CA LEU A 325 -24.21 -1.31 0.58
C LEU A 325 -23.48 -1.55 1.87
N SER A 326 -23.95 -2.57 2.57
CA SER A 326 -23.37 -2.85 3.83
C SER A 326 -22.59 -4.11 3.68
N PHE A 327 -21.42 -4.08 4.29
CA PHE A 327 -20.49 -5.19 4.23
C PHE A 327 -20.13 -5.56 5.67
N ARG A 328 -20.24 -6.87 5.98
CA ARG A 328 -19.88 -7.41 7.31
C ARG A 328 -18.59 -8.23 7.29
N PHE A 329 -17.60 -7.82 8.10
CA PHE A 329 -16.31 -8.54 8.24
C PHE A 329 -16.27 -9.09 9.69
N GLU A 330 -16.21 -10.38 10.07
CA GLU A 330 -16.53 -11.59 9.37
C GLU A 330 -17.90 -11.94 9.90
N TYR A 345 -5.30 -23.28 7.70
CA TYR A 345 -5.18 -23.51 6.28
C TYR A 345 -6.55 -23.73 5.69
N LYS A 346 -7.51 -22.89 6.10
CA LYS A 346 -8.81 -22.85 5.42
C LYS A 346 -9.46 -21.47 5.69
N TYR A 347 -10.80 -21.40 5.64
CA TYR A 347 -11.63 -20.20 5.96
C TYR A 347 -11.75 -19.63 7.43
N TRP A 348 -10.90 -18.65 7.80
CA TRP A 348 -11.04 -17.97 9.10
C TRP A 348 -11.83 -16.64 9.09
N GLN A 349 -12.07 -16.10 7.90
CA GLN A 349 -12.73 -14.83 7.75
C GLN A 349 -13.74 -14.93 6.61
N ILE A 350 -14.72 -14.05 6.66
CA ILE A 350 -15.94 -14.14 5.93
C ILE A 350 -16.19 -12.67 5.52
N ASN A 351 -16.83 -12.43 4.36
CA ASN A 351 -17.44 -11.14 3.95
C ASN A 351 -18.93 -11.28 3.67
N GLY A 352 -19.78 -10.76 4.55
CA GLY A 352 -21.20 -10.93 4.34
C GLY A 352 -21.61 -12.39 4.40
N GLN A 353 -21.02 -13.13 5.34
CA GLN A 353 -21.05 -14.60 5.37
C GLN A 353 -20.31 -15.41 4.22
N ALA A 354 -19.54 -14.77 3.30
CA ALA A 354 -18.91 -15.54 2.22
C ALA A 354 -17.44 -15.49 2.48
N TRP A 355 -16.80 -16.65 2.72
CA TRP A 355 -15.31 -16.80 2.71
C TRP A 355 -14.86 -16.65 1.27
N ASP A 356 -13.70 -16.03 0.97
CA ASP A 356 -13.01 -16.27 -0.34
C ASP A 356 -12.21 -17.58 -0.24
N ILE A 357 -12.27 -18.36 -1.33
CA ILE A 357 -11.43 -19.57 -1.51
C ILE A 357 -10.30 -19.16 -2.44
N ASN A 358 -9.15 -18.85 -1.85
CA ASN A 358 -8.05 -18.31 -2.63
C ASN A 358 -7.46 -19.39 -3.63
N ASP A 359 -7.99 -20.63 -3.56
CA ASP A 359 -7.79 -21.80 -4.48
C ASP A 359 -8.83 -22.14 -5.62
N ILE A 360 -9.90 -21.36 -5.83
CA ILE A 360 -10.77 -21.57 -7.04
C ILE A 360 -10.95 -20.26 -7.78
N SER A 361 -11.52 -20.27 -8.99
CA SER A 361 -11.88 -19.01 -9.70
C SER A 361 -13.32 -18.53 -9.48
N CYS A 362 -13.54 -18.10 -8.22
CA CYS A 362 -14.82 -17.58 -7.66
C CYS A 362 -14.98 -16.03 -7.71
N ALA A 363 -14.22 -15.39 -8.61
CA ALA A 363 -14.48 -14.01 -8.98
C ALA A 363 -15.72 -13.86 -9.96
N GLU A 364 -16.31 -14.99 -10.34
CA GLU A 364 -17.55 -15.05 -11.14
C GLU A 364 -18.85 -14.87 -10.32
N ARG A 365 -18.81 -14.96 -8.99
CA ARG A 365 -20.03 -14.82 -8.19
C ARG A 365 -19.87 -13.62 -7.30
N PRO A 366 -20.05 -12.41 -7.85
CA PRO A 366 -19.56 -11.18 -7.20
C PRO A 366 -20.48 -10.71 -6.05
N ILE A 367 -19.89 -10.44 -4.88
CA ILE A 367 -20.66 -10.04 -3.64
C ILE A 367 -21.59 -8.85 -3.93
N ALA A 368 -21.16 -7.93 -4.81
CA ALA A 368 -22.05 -6.89 -5.34
C ALA A 368 -21.72 -6.48 -6.77
N THR A 369 -22.75 -5.86 -7.38
CA THR A 369 -22.77 -5.48 -8.78
C THR A 369 -23.22 -4.01 -8.87
N LEU A 370 -22.25 -3.11 -9.11
CA LEU A 370 -22.47 -1.68 -9.17
C LEU A 370 -22.69 -1.24 -10.60
N LYS A 371 -23.54 -0.25 -10.78
CA LYS A 371 -23.76 0.38 -12.08
C LYS A 371 -22.64 1.39 -12.38
N LYS A 372 -22.11 1.35 -13.61
CA LYS A 372 -21.02 2.23 -14.01
C LYS A 372 -21.49 3.66 -13.92
N GLY A 373 -20.70 4.50 -13.24
CA GLY A 373 -21.10 5.89 -13.01
C GLY A 373 -22.02 6.05 -11.83
N GLY A 374 -22.34 4.96 -11.16
CA GLY A 374 -23.21 4.98 -9.99
C GLY A 374 -22.44 5.45 -8.75
N HIS A 375 -23.18 6.11 -7.88
CA HIS A 375 -22.64 6.65 -6.63
C HIS A 375 -23.17 5.76 -5.48
N TYR A 376 -22.24 5.23 -4.69
CA TYR A 376 -22.53 4.27 -3.65
C TYR A 376 -21.85 4.68 -2.38
N ILE A 377 -22.47 4.30 -1.27
CA ILE A 377 -21.87 4.41 0.07
C ILE A 377 -21.69 2.97 0.45
N PHE A 378 -20.51 2.62 0.97
CA PHE A 378 -20.18 1.36 1.59
C PHE A 378 -20.08 1.61 3.08
N GLU A 379 -20.96 0.95 3.83
CA GLU A 379 -20.85 0.85 5.25
C GLU A 379 -19.93 -0.32 5.52
N LEU A 380 -18.83 -0.05 6.18
CA LEU A 380 -17.85 -1.10 6.48
C LEU A 380 -17.98 -1.42 7.95
N ARG A 381 -18.51 -2.62 8.29
CA ARG A 381 -18.75 -3.08 9.69
C ARG A 381 -17.73 -4.17 10.08
N ASN A 382 -16.82 -3.88 11.00
CA ASN A 382 -15.88 -4.89 11.52
C ASN A 382 -16.60 -5.50 12.71
N LEU A 383 -17.11 -6.72 12.52
CA LEU A 383 -17.72 -7.50 13.58
C LEU A 383 -16.68 -8.37 14.27
N ALA A 384 -15.57 -7.77 14.68
CA ALA A 384 -14.52 -8.47 15.42
C ALA A 384 -13.61 -7.51 16.21
N GLN A 385 -12.76 -8.13 17.01
CA GLN A 385 -11.78 -7.42 17.82
C GLN A 385 -10.43 -7.38 17.10
N TYR A 386 -10.49 -7.39 15.76
CA TYR A 386 -9.29 -7.45 14.95
C TYR A 386 -9.34 -6.39 13.87
N GLN A 387 -8.29 -5.59 13.74
CA GLN A 387 -8.36 -4.50 12.72
C GLN A 387 -8.13 -5.05 11.33
N HIS A 388 -8.77 -4.45 10.33
CA HIS A 388 -8.55 -4.92 8.97
C HIS A 388 -8.25 -3.72 8.07
N PRO A 389 -7.11 -3.68 7.35
CA PRO A 389 -6.90 -2.60 6.32
C PRO A 389 -7.62 -3.00 5.03
N ILE A 390 -8.79 -2.40 4.88
CA ILE A 390 -9.69 -2.86 3.89
C ILE A 390 -9.42 -2.09 2.66
N HIS A 391 -9.20 -2.83 1.61
CA HIS A 391 -8.77 -2.22 0.35
C HIS A 391 -9.70 -2.54 -0.84
N LEU A 392 -9.92 -1.60 -1.72
CA LEU A 392 -10.73 -1.81 -2.93
C LEU A 392 -9.84 -1.55 -4.14
N HIS A 393 -9.81 -2.49 -5.08
CA HIS A 393 -9.18 -2.28 -6.32
C HIS A 393 -9.96 -1.38 -7.21
N GLY A 394 -9.23 -0.77 -8.14
CA GLY A 394 -9.85 -0.16 -9.31
C GLY A 394 -10.36 1.21 -9.12
N MET A 395 -10.61 1.56 -7.87
CA MET A 395 -11.37 2.70 -7.50
C MET A 395 -10.85 3.28 -6.22
N VAL A 396 -11.18 4.53 -6.05
CA VAL A 396 -10.80 5.28 -4.89
C VAL A 396 -12.06 5.62 -4.13
N PHE A 397 -12.08 5.42 -2.82
CA PHE A 397 -13.25 5.83 -2.09
C PHE A 397 -12.87 6.96 -1.18
N LYS A 398 -13.88 7.70 -0.77
CA LYS A 398 -13.76 8.81 0.17
C LYS A 398 -14.31 8.36 1.50
N VAL A 399 -13.52 8.52 2.53
CA VAL A 399 -13.88 8.09 3.87
C VAL A 399 -14.75 9.14 4.49
N LEU A 400 -15.94 8.73 4.92
CA LEU A 400 -16.90 9.74 5.31
C LEU A 400 -16.81 9.93 6.82
N SER A 401 -17.15 8.84 7.51
CA SER A 401 -17.36 8.83 8.96
C SER A 401 -16.93 7.49 9.56
N SER A 402 -16.79 7.49 10.88
CA SER A 402 -16.61 6.23 11.62
C SER A 402 -17.39 6.21 12.91
N ASP A 403 -17.69 5.03 13.43
CA ASP A 403 -18.13 4.84 14.83
C ASP A 403 -17.17 5.47 15.81
N ARG A 404 -15.90 5.21 15.56
CA ARG A 404 -14.92 5.34 16.58
C ARG A 404 -14.21 6.65 16.39
N ARG A 405 -13.60 6.78 15.22
CA ARG A 405 -12.73 7.88 14.90
C ARG A 405 -13.61 9.09 14.56
N GLU A 406 -13.07 10.29 14.76
CA GLU A 406 -13.65 11.44 14.09
C GLU A 406 -12.94 11.43 12.75
N ILE A 407 -13.66 11.59 11.64
CA ILE A 407 -13.04 11.60 10.28
C ILE A 407 -13.02 12.98 9.64
N ILE A 408 -11.85 13.39 9.16
CA ILE A 408 -11.75 14.47 8.17
C ILE A 408 -11.77 13.73 6.86
N PRO A 409 -12.86 13.90 6.10
CA PRO A 409 -13.10 13.05 4.93
C PRO A 409 -11.99 13.14 3.95
N TYR A 410 -11.58 11.97 3.44
CA TYR A 410 -10.45 11.93 2.56
C TYR A 410 -10.61 10.75 1.65
N PHE A 411 -9.87 10.77 0.56
CA PHE A 411 -9.86 9.75 -0.49
C PHE A 411 -8.72 8.82 -0.29
N THR A 412 -8.94 7.57 -0.57
CA THR A 412 -7.99 6.52 -0.33
C THR A 412 -8.52 5.27 -0.98
N ASP A 413 -7.64 4.28 -1.20
CA ASP A 413 -7.95 2.94 -1.68
C ASP A 413 -8.04 1.96 -0.47
N THR A 414 -7.68 2.47 0.72
CA THR A 414 -7.68 1.64 1.91
C THR A 414 -8.14 2.32 3.16
N TYR A 415 -8.97 1.64 3.93
CA TYR A 415 -9.37 2.15 5.22
C TYR A 415 -9.00 1.13 6.29
N LEU A 416 -8.28 1.58 7.30
CA LEU A 416 -7.88 0.69 8.41
C LEU A 416 -9.07 0.59 9.41
N LEU A 417 -9.77 -0.52 9.27
CA LEU A 417 -11.03 -0.73 9.93
C LEU A 417 -10.81 -1.31 11.29
N GLY A 418 -11.02 -0.47 12.30
CA GLY A 418 -10.64 -0.83 13.65
C GLY A 418 -11.56 -1.89 14.18
N LYS A 419 -11.15 -2.34 15.37
CA LYS A 419 -11.83 -3.33 16.16
C LYS A 419 -13.21 -2.84 16.41
N ASN A 420 -14.19 -3.67 16.09
CA ASN A 420 -15.60 -3.30 16.21
C ASN A 420 -15.98 -1.97 15.61
N GLU A 421 -15.25 -1.52 14.60
CA GLU A 421 -15.56 -0.22 14.04
C GLU A 421 -16.63 -0.36 12.93
N THR A 422 -17.57 0.59 12.87
CA THR A 422 -18.41 0.76 11.66
C THR A 422 -18.07 2.07 10.97
N ALA A 423 -17.40 1.98 9.80
CA ALA A 423 -17.06 3.16 8.97
C ALA A 423 -17.89 3.26 7.64
N ARG A 424 -18.15 4.50 7.25
CA ARG A 424 -18.90 4.75 6.05
C ARG A 424 -17.94 5.40 5.06
N VAL A 425 -18.04 4.90 3.85
CA VAL A 425 -17.09 5.12 2.80
C VAL A 425 -17.92 5.29 1.52
N ALA A 426 -17.52 6.19 0.63
CA ALA A 426 -18.26 6.49 -0.57
C ALA A 426 -17.38 6.60 -1.83
N LEU A 427 -17.96 6.14 -2.95
CA LEU A 427 -17.25 6.02 -4.19
C LEU A 427 -18.17 6.28 -5.33
N VAL A 428 -17.56 6.64 -6.47
CA VAL A 428 -18.17 6.56 -7.78
C VAL A 428 -17.68 5.30 -8.44
N ALA A 429 -18.61 4.51 -9.00
CA ALA A 429 -18.29 3.22 -9.64
C ALA A 429 -17.88 3.57 -11.06
N ASP A 430 -16.64 4.04 -11.10
CA ASP A 430 -16.01 4.83 -12.15
C ASP A 430 -15.47 3.98 -13.28
N ASN A 431 -15.05 2.77 -12.95
CA ASN A 431 -14.08 2.00 -13.72
C ASN A 431 -14.75 0.61 -13.83
N PRO A 432 -15.16 0.20 -15.05
CA PRO A 432 -15.85 -1.05 -15.20
C PRO A 432 -14.90 -2.25 -15.10
N GLY A 433 -15.44 -3.32 -14.52
CA GLY A 433 -14.72 -4.53 -14.28
C GLY A 433 -15.22 -5.25 -13.08
N VAL A 434 -14.34 -6.11 -12.56
CA VAL A 434 -14.59 -6.91 -11.40
C VAL A 434 -13.44 -6.65 -10.50
N TRP A 435 -13.68 -5.91 -9.44
CA TRP A 435 -12.58 -5.46 -8.58
C TRP A 435 -12.58 -6.14 -7.23
N MET A 436 -11.42 -6.68 -6.89
CA MET A 436 -11.20 -7.24 -5.56
C MET A 436 -11.33 -6.20 -4.46
N PHE A 437 -11.86 -6.72 -3.38
CA PHE A 437 -12.20 -5.97 -2.21
C PHE A 437 -11.84 -6.82 -1.03
N HIS A 438 -10.80 -6.42 -0.34
CA HIS A 438 -10.22 -7.33 0.60
C HIS A 438 -9.39 -6.65 1.72
N CYS A 439 -9.20 -7.42 2.81
CA CYS A 439 -8.36 -6.97 3.86
C CYS A 439 -6.96 -7.13 3.30
N HIS A 440 -6.11 -6.15 3.56
CA HIS A 440 -4.72 -6.19 3.03
C HIS A 440 -3.66 -6.81 4.00
N VAL A 441 -4.16 -7.50 5.04
CA VAL A 441 -3.34 -8.35 5.90
C VAL A 441 -3.46 -9.59 5.08
N ILE A 442 -2.31 -9.99 4.52
CA ILE A 442 -2.31 -10.94 3.40
C ILE A 442 -2.86 -12.31 3.82
N ASP A 443 -2.53 -12.73 5.02
CA ASP A 443 -3.23 -13.83 5.74
C ASP A 443 -4.73 -13.81 5.80
N HIS A 444 -5.31 -12.70 6.14
CA HIS A 444 -6.76 -12.63 6.18
C HIS A 444 -7.35 -12.71 4.82
N MET A 445 -6.68 -12.09 3.82
CA MET A 445 -7.15 -12.09 2.46
C MET A 445 -7.12 -13.53 2.00
N GLU A 446 -6.01 -14.23 2.29
CA GLU A 446 -5.89 -15.62 1.85
C GLU A 446 -6.73 -16.60 2.61
N THR A 447 -7.20 -16.24 3.83
CA THR A 447 -8.01 -17.17 4.61
C THR A 447 -9.43 -16.70 4.59
N GLY A 448 -9.85 -16.03 3.52
CA GLY A 448 -11.27 -15.71 3.35
C GLY A 448 -11.75 -14.25 3.24
N LEU A 449 -10.95 -13.28 3.65
CA LEU A 449 -11.45 -11.90 3.76
C LEU A 449 -11.24 -11.14 2.44
N MET A 450 -12.00 -11.58 1.44
CA MET A 450 -11.93 -11.01 0.14
C MET A 450 -13.23 -11.25 -0.57
N ALA A 451 -13.61 -10.26 -1.37
CA ALA A 451 -14.72 -10.42 -2.21
C ALA A 451 -14.45 -9.69 -3.50
N ALA A 452 -15.37 -9.81 -4.41
CA ALA A 452 -15.27 -9.18 -5.69
C ALA A 452 -16.53 -8.32 -5.89
N ILE A 453 -16.31 -7.09 -6.36
CA ILE A 453 -17.40 -6.14 -6.65
C ILE A 453 -17.33 -5.90 -8.15
N GLU A 454 -18.40 -6.29 -8.85
CA GLU A 454 -18.51 -6.08 -10.30
C GLU A 454 -19.04 -4.66 -10.56
N VAL A 455 -18.27 -3.88 -11.32
CA VAL A 455 -18.68 -2.62 -11.95
C VAL A 455 -18.96 -2.97 -13.40
N ALA A 456 -20.74 -2.47 -13.92
CA ALA A 456 -21.13 -2.59 -15.32
C ALA A 456 -22.36 -1.80 -15.65
#